data_1LM7
#
_entry.id   1LM7
#
_cell.length_a   48.293
_cell.length_b   99.773
_cell.length_c   51.687
_cell.angle_alpha   90.00
_cell.angle_beta   97.58
_cell.angle_gamma   90.00
#
_symmetry.space_group_name_H-M   'P 1 21 1'
#
_entity_poly.entity_id   1
_entity_poly.type   'polypeptide(L)'
_entity_poly.pdbx_seq_one_letter_code
;SFQGIRQPVTVTELVDSGILRPSTVNELESGQISYDEVGERIKDFLQGSSCIAGIYNETTKQKLGIYEAMKIGLVRPGTA
LELLEAQAATGFIVDPVSNLRLPVEEAYKRGLVGIEFKEKLLSAERAVTGYNDPETGNIISLFQAMNKELIEKGHGIRLL
EAQIATGGIIDPKESHRLPVDIAYKRGYFNEELSEILSDPSDDTKGFFDPNTEENLTYLQLKERCIKDEETGLCLLPLKE
KKKQVQTS
;
_entity_poly.pdbx_strand_id   A,B
#
# COMPACT_ATOMS: atom_id res chain seq x y z
N SER A 1 -14.76 -17.52 13.61
CA SER A 1 -13.95 -17.08 14.78
C SER A 1 -13.64 -15.57 14.72
N PHE A 2 -12.94 -15.14 13.68
CA PHE A 2 -12.61 -13.71 13.58
C PHE A 2 -13.77 -12.94 12.95
N GLN A 3 -13.82 -11.63 13.18
CA GLN A 3 -14.91 -10.83 12.61
C GLN A 3 -14.57 -10.22 11.25
N GLY A 4 -15.40 -10.51 10.24
CA GLY A 4 -15.17 -9.99 8.91
C GLY A 4 -16.00 -8.75 8.65
N ILE A 5 -16.18 -8.37 7.38
CA ILE A 5 -16.97 -7.19 7.05
C ILE A 5 -18.35 -7.31 7.70
N ARG A 6 -19.11 -8.32 7.28
CA ARG A 6 -20.44 -8.58 7.84
C ARG A 6 -20.27 -9.84 8.70
N GLN A 7 -20.06 -10.96 8.01
CA GLN A 7 -19.91 -12.31 8.59
C GLN A 7 -18.61 -12.59 9.31
N PRO A 8 -18.62 -13.61 10.17
CA PRO A 8 -17.42 -13.99 10.92
C PRO A 8 -16.54 -14.85 10.01
N VAL A 9 -15.23 -14.89 10.27
CA VAL A 9 -14.33 -15.66 9.43
C VAL A 9 -13.64 -16.79 10.16
N THR A 10 -13.79 -17.97 9.58
CA THR A 10 -13.21 -19.21 10.08
C THR A 10 -11.69 -19.15 9.98
N VAL A 11 -11.01 -19.84 10.89
CA VAL A 11 -9.56 -19.87 10.86
C VAL A 11 -9.06 -20.71 9.69
N THR A 12 -9.87 -21.65 9.26
CA THR A 12 -9.53 -22.49 8.11
C THR A 12 -9.57 -21.60 6.86
N GLU A 13 -10.69 -20.90 6.69
CA GLU A 13 -10.92 -19.99 5.57
C GLU A 13 -9.79 -18.99 5.30
N LEU A 14 -9.15 -18.52 6.37
CA LEU A 14 -8.06 -17.57 6.26
C LEU A 14 -6.75 -18.26 5.87
N VAL A 15 -6.54 -19.50 6.33
CA VAL A 15 -5.32 -20.23 5.99
C VAL A 15 -5.41 -20.64 4.51
N ASP A 16 -6.61 -21.01 4.06
CA ASP A 16 -6.79 -21.39 2.67
C ASP A 16 -6.59 -20.16 1.83
N SER A 17 -6.99 -19.02 2.39
CA SER A 17 -6.89 -17.71 1.75
C SER A 17 -5.46 -17.19 1.58
N GLY A 18 -4.47 -17.95 2.03
CA GLY A 18 -3.10 -17.52 1.90
C GLY A 18 -2.82 -16.32 2.78
N ILE A 19 -3.56 -16.25 3.88
CA ILE A 19 -3.44 -15.17 4.83
C ILE A 19 -2.70 -15.54 6.14
N LEU A 20 -3.13 -16.62 6.81
CA LEU A 20 -2.48 -17.09 8.04
C LEU A 20 -1.60 -18.31 7.75
N ARG A 21 -0.40 -18.35 8.35
CA ARG A 21 0.54 -19.47 8.17
C ARG A 21 0.07 -20.63 9.02
N PRO A 22 0.17 -21.87 8.48
CA PRO A 22 -0.25 -23.10 9.17
C PRO A 22 0.20 -23.24 10.63
N SER A 23 1.28 -22.56 11.00
CA SER A 23 1.82 -22.64 12.36
C SER A 23 1.03 -21.77 13.31
N THR A 24 0.62 -20.60 12.86
CA THR A 24 -0.11 -19.70 13.71
C THR A 24 -1.43 -20.29 14.22
N VAL A 25 -1.90 -21.35 13.60
CA VAL A 25 -3.14 -21.98 14.03
C VAL A 25 -2.89 -22.85 15.27
N ASN A 26 -1.86 -23.68 15.22
CA ASN A 26 -1.51 -24.54 16.34
C ASN A 26 -1.06 -23.65 17.50
N GLU A 27 -0.77 -22.39 17.17
CA GLU A 27 -0.33 -21.44 18.17
C GLU A 27 -1.52 -20.65 18.70
N LEU A 28 -2.72 -21.03 18.26
CA LEU A 28 -3.92 -20.37 18.73
C LEU A 28 -4.48 -21.17 19.89
N GLU A 29 -4.03 -22.41 20.00
CA GLU A 29 -4.42 -23.29 21.10
C GLU A 29 -3.47 -22.93 22.28
N SER A 30 -2.25 -22.55 21.92
CA SER A 30 -1.22 -22.17 22.90
C SER A 30 -1.02 -20.64 22.93
N GLY A 31 -0.90 -20.08 24.13
CA GLY A 31 -0.71 -18.64 24.26
C GLY A 31 0.53 -18.13 23.54
N SER A 34 -2.73 -16.00 21.59
CA SER A 34 -3.87 -15.14 21.80
C SER A 34 -4.78 -15.08 20.58
N TYR A 35 -5.86 -14.30 20.71
CA TYR A 35 -6.82 -14.11 19.61
C TYR A 35 -7.06 -12.62 19.32
N ASP A 36 -6.91 -11.79 20.33
CA ASP A 36 -7.12 -10.33 20.19
C ASP A 36 -5.89 -9.66 19.57
N GLU A 37 -4.83 -10.44 19.36
CA GLU A 37 -3.61 -9.93 18.76
C GLU A 37 -3.44 -10.47 17.34
N VAL A 38 -3.89 -11.71 17.14
CA VAL A 38 -3.82 -12.31 15.82
C VAL A 38 -4.69 -11.46 14.91
N GLY A 39 -5.92 -11.22 15.35
CA GLY A 39 -6.87 -10.42 14.59
C GLY A 39 -6.42 -8.98 14.56
N GLU A 40 -5.32 -8.71 15.27
CA GLU A 40 -4.77 -7.37 15.33
C GLU A 40 -3.56 -7.31 14.37
N ARG A 41 -3.03 -8.49 14.00
CA ARG A 41 -1.91 -8.58 13.07
C ARG A 41 -2.47 -8.71 11.66
N ILE A 42 -3.67 -9.31 11.54
CA ILE A 42 -4.34 -9.50 10.25
C ILE A 42 -5.58 -8.62 10.06
N LYS A 43 -5.58 -7.44 10.68
CA LYS A 43 -6.67 -6.47 10.65
C LYS A 43 -7.10 -5.96 9.28
N ASP A 44 -6.13 -5.51 8.49
CA ASP A 44 -6.38 -4.97 7.15
C ASP A 44 -7.17 -5.90 6.24
N PHE A 45 -7.10 -7.20 6.51
CA PHE A 45 -7.82 -8.18 5.72
C PHE A 45 -9.22 -8.42 6.25
N LEU A 46 -9.36 -8.51 7.56
CA LEU A 46 -10.68 -8.72 8.18
C LEU A 46 -11.70 -7.67 7.74
N GLN A 47 -11.38 -6.40 7.96
CA GLN A 47 -12.26 -5.30 7.57
C GLN A 47 -11.63 -4.33 6.58
N GLY A 48 -10.32 -4.16 6.66
CA GLY A 48 -9.65 -3.26 5.74
C GLY A 48 -9.00 -2.05 6.38
N SER A 49 -8.19 -1.36 5.61
CA SER A 49 -7.49 -0.18 6.08
C SER A 49 -8.42 1.01 5.86
N SER A 50 -8.04 2.17 6.40
CA SER A 50 -8.84 3.38 6.29
C SER A 50 -9.03 3.85 4.85
N CYS A 51 -10.18 4.48 4.61
CA CYS A 51 -10.50 5.04 3.30
C CYS A 51 -10.56 6.54 3.52
N ILE A 52 -11.14 7.25 2.56
CA ILE A 52 -11.31 8.69 2.72
C ILE A 52 -12.58 8.84 3.57
N ALA A 53 -12.41 8.78 4.89
CA ALA A 53 -13.52 8.86 5.85
C ALA A 53 -14.28 10.19 5.89
N GLY A 54 -13.56 11.29 5.85
CA GLY A 54 -14.22 12.58 5.89
C GLY A 54 -13.39 13.70 5.29
N ILE A 55 -13.73 14.92 5.68
CA ILE A 55 -13.05 16.11 5.21
C ILE A 55 -12.49 16.89 6.41
N TYR A 56 -11.54 17.77 6.15
CA TYR A 56 -10.92 18.61 7.17
C TYR A 56 -10.60 19.93 6.49
N ASN A 57 -11.35 20.98 6.80
CA ASN A 57 -11.07 22.25 6.14
C ASN A 57 -10.16 23.17 6.94
N GLU A 58 -9.07 23.58 6.31
CA GLU A 58 -8.07 24.44 6.91
C GLU A 58 -8.64 25.67 7.60
N THR A 59 -9.82 26.10 7.15
CA THR A 59 -10.49 27.29 7.69
C THR A 59 -10.86 27.21 9.19
N THR A 60 -11.75 26.26 9.54
CA THR A 60 -12.21 26.12 10.91
C THR A 60 -11.40 25.13 11.77
N LYS A 61 -10.56 24.32 11.13
CA LYS A 61 -9.74 23.33 11.81
C LYS A 61 -10.59 22.16 12.37
N GLN A 62 -11.76 21.94 11.75
CA GLN A 62 -12.69 20.88 12.14
C GLN A 62 -12.70 19.73 11.13
N LYS A 63 -13.12 18.56 11.59
CA LYS A 63 -13.19 17.40 10.72
C LYS A 63 -14.68 17.17 10.43
N LEU A 64 -14.99 16.79 9.20
CA LEU A 64 -16.40 16.57 8.84
C LEU A 64 -16.64 15.30 8.02
N GLY A 65 -17.85 14.78 8.13
CA GLY A 65 -18.16 13.60 7.35
C GLY A 65 -18.31 14.13 5.94
N ILE A 66 -18.49 13.25 4.96
CA ILE A 66 -18.63 13.70 3.57
C ILE A 66 -19.98 14.39 3.27
N TYR A 67 -21.08 13.87 3.83
CA TYR A 67 -22.43 14.43 3.61
C TYR A 67 -22.71 15.79 4.24
N GLU A 68 -22.19 15.97 5.46
CA GLU A 68 -22.33 17.21 6.21
C GLU A 68 -21.63 18.38 5.49
N ALA A 69 -20.50 18.09 4.85
CA ALA A 69 -19.72 19.09 4.14
C ALA A 69 -20.44 19.57 2.89
N MET A 70 -21.18 18.68 2.24
CA MET A 70 -21.91 19.09 1.03
C MET A 70 -23.21 19.78 1.41
N LYS A 71 -23.66 19.55 2.64
CA LYS A 71 -24.91 20.14 3.13
C LYS A 71 -24.67 21.59 3.59
N ILE A 72 -23.40 21.95 3.69
CA ILE A 72 -23.01 23.30 4.10
C ILE A 72 -22.16 23.99 3.02
N GLY A 73 -22.01 23.37 1.86
CA GLY A 73 -21.23 23.98 0.81
C GLY A 73 -19.73 24.00 1.04
N LEU A 74 -19.08 22.89 0.68
CA LEU A 74 -17.63 22.76 0.82
C LEU A 74 -17.18 21.64 -0.12
N VAL A 75 -18.19 20.99 -0.71
CA VAL A 75 -18.01 19.91 -1.66
C VAL A 75 -19.31 19.76 -2.45
N ARG A 76 -19.21 19.92 -3.78
CA ARG A 76 -20.37 19.81 -4.65
C ARG A 76 -20.97 18.42 -4.60
N PRO A 77 -22.31 18.33 -4.71
CA PRO A 77 -23.05 17.05 -4.69
C PRO A 77 -22.40 15.95 -5.51
N GLY A 78 -21.76 16.38 -6.60
CA GLY A 78 -21.11 15.45 -7.49
C GLY A 78 -20.01 14.65 -6.86
N THR A 79 -18.96 15.31 -6.40
CA THR A 79 -17.87 14.57 -5.79
C THR A 79 -18.25 13.89 -4.45
N ALA A 80 -19.33 14.35 -3.83
CA ALA A 80 -19.81 13.75 -2.59
C ALA A 80 -20.18 12.28 -2.85
N LEU A 81 -20.94 12.05 -3.92
CA LEU A 81 -21.38 10.72 -4.34
C LEU A 81 -20.21 9.75 -4.53
N GLU A 82 -19.14 10.22 -5.18
CA GLU A 82 -17.98 9.37 -5.40
C GLU A 82 -17.41 8.81 -4.10
N LEU A 83 -17.03 9.69 -3.17
CA LEU A 83 -16.47 9.24 -1.91
C LEU A 83 -17.44 8.42 -1.06
N LEU A 84 -18.74 8.73 -1.13
CA LEU A 84 -19.72 7.95 -0.37
C LEU A 84 -20.01 6.59 -1.02
N GLU A 85 -19.66 6.45 -2.30
CA GLU A 85 -19.84 5.19 -3.03
C GLU A 85 -18.64 4.32 -2.70
N ALA A 86 -17.46 4.91 -2.77
CA ALA A 86 -16.23 4.19 -2.47
C ALA A 86 -16.24 3.72 -1.01
N GLN A 87 -16.96 4.47 -0.17
CA GLN A 87 -17.08 4.15 1.25
C GLN A 87 -17.95 2.89 1.35
N ALA A 88 -19.08 2.89 0.64
CA ALA A 88 -19.99 1.75 0.66
C ALA A 88 -19.32 0.47 0.15
N ALA A 89 -18.62 0.61 -1.00
CA ALA A 89 -17.93 -0.49 -1.68
C ALA A 89 -16.73 -1.04 -0.92
N THR A 90 -16.49 -0.54 0.29
CA THR A 90 -15.39 -1.08 1.08
C THR A 90 -16.00 -1.68 2.35
N GLY A 91 -17.30 -1.43 2.56
CA GLY A 91 -17.96 -1.96 3.73
C GLY A 91 -18.83 -1.02 4.55
N PHE A 92 -18.26 0.07 5.07
CA PHE A 92 -19.05 0.97 5.90
C PHE A 92 -18.91 2.47 5.63
N ILE A 93 -19.98 3.20 5.92
CA ILE A 93 -20.00 4.64 5.76
C ILE A 93 -19.31 5.17 7.01
N VAL A 94 -18.60 6.29 6.92
CA VAL A 94 -17.88 6.78 8.09
C VAL A 94 -18.15 8.18 8.64
N ASP A 95 -18.12 8.28 9.97
CA ASP A 95 -18.32 9.55 10.71
C ASP A 95 -17.07 9.82 11.54
N PRO A 96 -16.13 10.61 10.97
CA PRO A 96 -14.86 10.98 11.61
C PRO A 96 -15.01 11.63 12.98
N VAL A 97 -16.04 12.45 13.12
CA VAL A 97 -16.32 13.16 14.37
C VAL A 97 -16.54 12.22 15.54
N SER A 98 -17.48 11.30 15.35
CA SER A 98 -17.82 10.31 16.37
C SER A 98 -17.00 9.04 16.21
N ASN A 99 -16.48 8.78 15.01
CA ASN A 99 -15.66 7.60 14.72
C ASN A 99 -16.50 6.32 14.53
N LEU A 100 -17.60 6.47 13.81
CA LEU A 100 -18.46 5.34 13.56
C LEU A 100 -18.27 4.81 12.16
N ARG A 101 -18.47 3.51 12.03
CA ARG A 101 -18.36 2.80 10.77
C ARG A 101 -19.69 2.05 10.73
N LEU A 102 -20.48 2.22 9.68
CA LEU A 102 -21.77 1.56 9.65
C LEU A 102 -22.37 1.32 8.27
N PRO A 103 -23.23 0.28 8.15
CA PRO A 103 -23.88 -0.07 6.89
C PRO A 103 -24.78 1.06 6.42
N VAL A 104 -25.04 1.09 5.12
CA VAL A 104 -25.87 2.13 4.56
C VAL A 104 -27.17 2.34 5.35
N GLU A 105 -27.90 1.26 5.63
CA GLU A 105 -29.17 1.36 6.35
C GLU A 105 -29.15 2.08 7.71
N GLU A 106 -28.10 1.80 8.48
CA GLU A 106 -27.86 2.37 9.80
C GLU A 106 -27.39 3.83 9.64
N ALA A 107 -26.51 4.07 8.67
CA ALA A 107 -26.03 5.42 8.40
C ALA A 107 -27.17 6.37 8.08
N TYR A 108 -28.13 5.91 7.30
CA TYR A 108 -29.29 6.71 6.89
C TYR A 108 -30.22 7.08 8.04
N LYS A 109 -30.25 6.24 9.05
CA LYS A 109 -31.09 6.45 10.24
C LYS A 109 -30.44 7.50 11.11
N ARG A 110 -29.12 7.38 11.18
CA ARG A 110 -28.26 8.23 11.98
C ARG A 110 -27.95 9.61 11.35
N GLY A 111 -28.43 9.87 10.13
CA GLY A 111 -28.20 11.16 9.48
C GLY A 111 -26.82 11.46 8.91
N LEU A 112 -26.13 10.41 8.49
CA LEU A 112 -24.78 10.56 7.92
C LEU A 112 -24.81 10.61 6.40
N VAL A 113 -25.95 10.26 5.82
CA VAL A 113 -26.13 10.27 4.37
C VAL A 113 -27.57 10.67 3.97
N GLY A 114 -27.68 11.43 2.89
CA GLY A 114 -28.98 11.92 2.44
C GLY A 114 -29.97 10.91 1.89
N ILE A 115 -31.22 11.34 1.82
CA ILE A 115 -32.31 10.50 1.34
C ILE A 115 -32.16 10.27 -0.14
N GLU A 116 -31.60 11.28 -0.79
CA GLU A 116 -31.37 11.29 -2.23
C GLU A 116 -30.27 10.34 -2.67
N PHE A 117 -29.31 10.09 -1.79
CA PHE A 117 -28.18 9.21 -2.08
C PHE A 117 -28.40 7.73 -1.72
N LYS A 118 -29.19 7.49 -0.66
CA LYS A 118 -29.51 6.15 -0.12
C LYS A 118 -29.71 4.97 -1.08
N GLU A 119 -30.37 5.22 -2.20
CA GLU A 119 -30.68 4.19 -3.21
C GLU A 119 -29.44 3.72 -4.02
N LYS A 120 -28.53 4.65 -4.29
CA LYS A 120 -27.29 4.38 -5.02
C LYS A 120 -26.25 3.76 -4.09
N LEU A 121 -26.23 4.23 -2.84
CA LEU A 121 -25.29 3.72 -1.85
C LEU A 121 -25.69 2.30 -1.45
N LEU A 122 -26.89 1.89 -1.83
CA LEU A 122 -27.42 0.55 -1.54
C LEU A 122 -27.01 -0.44 -2.63
N SER A 123 -26.53 0.09 -3.76
CA SER A 123 -26.10 -0.74 -4.88
C SER A 123 -24.61 -0.95 -4.87
N ALA A 124 -23.88 0.08 -4.42
CA ALA A 124 -22.43 0.02 -4.38
C ALA A 124 -21.93 -0.89 -3.28
N GLU A 125 -22.84 -1.21 -2.35
CA GLU A 125 -22.55 -2.05 -1.19
C GLU A 125 -22.71 -3.53 -1.57
N ARG A 126 -23.17 -3.75 -2.80
CA ARG A 126 -23.35 -5.10 -3.32
C ARG A 126 -22.00 -5.60 -3.82
N ALA A 127 -21.02 -4.70 -3.85
CA ALA A 127 -19.68 -5.06 -4.24
C ALA A 127 -19.01 -5.54 -2.96
N VAL A 128 -19.80 -5.63 -1.90
CA VAL A 128 -19.34 -6.06 -0.57
C VAL A 128 -20.05 -7.37 -0.19
N THR A 129 -21.37 -7.37 -0.32
CA THR A 129 -22.18 -8.52 0.03
C THR A 129 -22.58 -9.40 -1.17
N GLY A 130 -22.29 -8.93 -2.39
CA GLY A 130 -22.61 -9.71 -3.58
C GLY A 130 -23.82 -9.27 -4.38
N TYR A 131 -23.78 -9.58 -5.67
CA TYR A 131 -24.86 -9.25 -6.58
C TYR A 131 -25.60 -10.56 -6.77
N ASN A 132 -26.61 -10.58 -7.65
CA ASN A 132 -27.36 -11.80 -7.90
C ASN A 132 -27.37 -12.11 -9.40
N ASP A 133 -26.99 -13.34 -9.70
CA ASP A 133 -26.89 -13.91 -11.06
C ASP A 133 -28.31 -14.17 -11.60
N PRO A 134 -28.75 -13.45 -12.65
CA PRO A 134 -30.12 -13.69 -13.16
C PRO A 134 -30.59 -15.15 -13.06
N GLU A 135 -29.99 -16.00 -13.88
CA GLU A 135 -30.30 -17.44 -13.89
C GLU A 135 -29.54 -18.07 -12.72
N THR A 136 -30.26 -18.84 -11.89
CA THR A 136 -29.72 -19.52 -10.70
C THR A 136 -29.66 -18.66 -9.44
N GLY A 137 -29.82 -17.36 -9.62
CA GLY A 137 -29.83 -16.40 -8.53
C GLY A 137 -28.80 -16.65 -7.45
N ASN A 138 -27.56 -16.84 -7.87
CA ASN A 138 -26.52 -17.08 -6.90
C ASN A 138 -25.59 -15.90 -6.74
N ILE A 139 -25.15 -15.66 -5.51
CA ILE A 139 -24.23 -14.56 -5.17
C ILE A 139 -22.93 -14.57 -6.00
N ILE A 140 -22.79 -13.60 -6.92
CA ILE A 140 -21.58 -13.49 -7.74
C ILE A 140 -20.78 -12.24 -7.34
N SER A 141 -19.51 -12.23 -7.72
CA SER A 141 -18.60 -11.14 -7.44
C SER A 141 -18.87 -9.94 -8.33
N LEU A 142 -18.42 -8.76 -7.87
CA LEU A 142 -18.56 -7.53 -8.65
C LEU A 142 -17.92 -7.80 -10.00
N PHE A 143 -16.76 -8.45 -9.95
CA PHE A 143 -16.03 -8.81 -11.16
C PHE A 143 -16.92 -9.63 -12.08
N GLN A 144 -17.52 -10.70 -11.54
CA GLN A 144 -18.40 -11.57 -12.33
C GLN A 144 -19.63 -10.79 -12.84
N ALA A 145 -19.96 -9.70 -12.16
CA ALA A 145 -21.09 -8.86 -12.56
C ALA A 145 -20.67 -7.99 -13.74
N MET A 146 -19.36 -7.76 -13.87
CA MET A 146 -18.85 -6.97 -14.97
C MET A 146 -18.78 -7.91 -16.20
N ASN A 147 -18.39 -9.17 -15.98
CA ASN A 147 -18.30 -10.16 -17.07
C ASN A 147 -19.64 -10.64 -17.64
N LYS A 148 -20.74 -10.29 -16.99
CA LYS A 148 -22.08 -10.69 -17.45
C LYS A 148 -22.89 -9.45 -17.83
N GLU A 149 -22.20 -8.33 -17.90
CA GLU A 149 -22.80 -7.05 -18.28
C GLU A 149 -23.97 -6.55 -17.42
N LEU A 150 -23.80 -6.51 -16.11
CA LEU A 150 -24.83 -6.00 -15.22
C LEU A 150 -24.51 -4.57 -14.74
N ILE A 151 -23.34 -4.05 -15.13
CA ILE A 151 -22.90 -2.68 -14.81
C ILE A 151 -21.72 -2.22 -15.69
N GLU A 152 -21.63 -0.89 -15.90
CA GLU A 152 -20.59 -0.28 -16.72
C GLU A 152 -19.18 -0.48 -16.15
N LYS A 153 -18.24 -0.85 -17.01
CA LYS A 153 -16.87 -1.08 -16.58
C LYS A 153 -16.21 0.15 -15.98
N GLY A 154 -16.82 1.31 -16.18
CA GLY A 154 -16.24 2.53 -15.61
C GLY A 154 -16.64 2.66 -14.16
N HIS A 155 -17.90 2.33 -13.90
CA HIS A 155 -18.47 2.39 -12.56
C HIS A 155 -17.91 1.24 -11.73
N GLY A 156 -17.83 0.04 -12.33
CA GLY A 156 -17.32 -1.13 -11.66
C GLY A 156 -15.84 -1.00 -11.38
N ILE A 157 -15.11 -0.45 -12.34
CA ILE A 157 -13.68 -0.25 -12.20
C ILE A 157 -13.42 0.73 -11.04
N ARG A 158 -14.23 1.78 -10.94
CA ARG A 158 -14.06 2.78 -9.89
C ARG A 158 -14.23 2.22 -8.49
N LEU A 159 -14.97 1.13 -8.37
CA LEU A 159 -15.22 0.50 -7.07
C LEU A 159 -14.12 -0.52 -6.74
N LEU A 160 -13.57 -1.15 -7.76
CA LEU A 160 -12.51 -2.12 -7.54
C LEU A 160 -11.24 -1.43 -7.05
N GLU A 161 -10.97 -0.22 -7.52
CA GLU A 161 -9.78 0.49 -7.07
C GLU A 161 -9.93 1.03 -5.64
N ALA A 162 -11.17 1.31 -5.25
CA ALA A 162 -11.46 1.79 -3.89
C ALA A 162 -11.14 0.65 -2.91
N GLN A 163 -11.45 -0.58 -3.34
CA GLN A 163 -11.20 -1.77 -2.53
C GLN A 163 -9.73 -2.18 -2.52
N ILE A 164 -9.09 -2.18 -3.69
CA ILE A 164 -7.67 -2.54 -3.79
C ILE A 164 -6.76 -1.62 -2.95
N ALA A 165 -7.13 -0.34 -2.88
CA ALA A 165 -6.39 0.69 -2.15
C ALA A 165 -6.65 0.67 -0.66
N THR A 166 -7.42 -0.30 -0.18
CA THR A 166 -7.75 -0.39 1.24
C THR A 166 -7.66 -1.81 1.82
N GLY A 167 -6.80 -2.64 1.23
CA GLY A 167 -6.63 -4.02 1.69
C GLY A 167 -6.68 -5.14 0.65
N GLY A 168 -7.34 -4.89 -0.48
CA GLY A 168 -7.44 -5.90 -1.52
C GLY A 168 -8.87 -6.06 -1.96
N ILE A 169 -9.13 -6.83 -3.01
CA ILE A 169 -10.50 -7.01 -3.45
C ILE A 169 -11.21 -7.90 -2.43
N ILE A 170 -12.49 -7.63 -2.20
CA ILE A 170 -13.29 -8.37 -1.21
C ILE A 170 -13.97 -9.63 -1.75
N ASP A 171 -14.08 -10.66 -0.90
CA ASP A 171 -14.74 -11.89 -1.27
C ASP A 171 -16.18 -11.78 -0.74
N PRO A 172 -17.18 -11.75 -1.64
CA PRO A 172 -18.59 -11.63 -1.25
C PRO A 172 -19.03 -12.73 -0.30
N LYS A 173 -18.63 -13.95 -0.63
CA LYS A 173 -18.98 -15.15 0.14
C LYS A 173 -18.26 -15.27 1.49
N GLU A 174 -16.95 -15.05 1.50
CA GLU A 174 -16.19 -15.17 2.75
C GLU A 174 -16.15 -13.89 3.61
N SER A 175 -16.41 -12.73 3.02
CA SER A 175 -16.43 -11.46 3.76
C SER A 175 -15.11 -10.91 4.34
N HIS A 176 -14.08 -10.82 3.50
CA HIS A 176 -12.79 -10.28 3.94
C HIS A 176 -11.91 -9.97 2.72
N ARG A 177 -10.77 -9.32 2.94
CA ARG A 177 -9.87 -8.97 1.85
C ARG A 177 -9.07 -10.18 1.41
N LEU A 178 -8.64 -10.18 0.15
CA LEU A 178 -7.89 -11.29 -0.41
C LEU A 178 -6.63 -10.89 -1.19
N PRO A 179 -5.55 -11.66 -1.03
CA PRO A 179 -4.31 -11.34 -1.75
C PRO A 179 -4.69 -11.38 -3.23
N VAL A 180 -4.05 -10.54 -4.05
CA VAL A 180 -4.38 -10.51 -5.46
C VAL A 180 -4.31 -11.89 -6.16
N ASP A 181 -3.35 -12.74 -5.77
CA ASP A 181 -3.27 -14.06 -6.42
C ASP A 181 -4.43 -15.00 -6.14
N ILE A 182 -4.97 -14.91 -4.93
CA ILE A 182 -6.10 -15.75 -4.51
C ILE A 182 -7.35 -15.22 -5.20
N ALA A 183 -7.41 -13.90 -5.29
CA ALA A 183 -8.51 -13.23 -5.98
C ALA A 183 -8.55 -13.77 -7.42
N TYR A 184 -7.38 -13.97 -8.03
CA TYR A 184 -7.29 -14.51 -9.38
C TYR A 184 -7.72 -15.97 -9.41
N LYS A 185 -7.25 -16.75 -8.43
CA LYS A 185 -7.59 -18.16 -8.36
C LYS A 185 -9.07 -18.45 -8.19
N ARG A 186 -9.75 -17.56 -7.49
CA ARG A 186 -11.18 -17.69 -7.24
C ARG A 186 -12.07 -16.99 -8.29
N GLY A 187 -11.47 -16.39 -9.31
CA GLY A 187 -12.25 -15.73 -10.34
C GLY A 187 -12.93 -14.43 -9.92
N TYR A 188 -12.23 -13.62 -9.14
CA TYR A 188 -12.77 -12.36 -8.64
C TYR A 188 -11.95 -11.16 -9.08
N PHE A 189 -11.02 -11.39 -10.00
CA PHE A 189 -10.13 -10.34 -10.53
C PHE A 189 -9.23 -11.04 -11.55
N ASN A 190 -8.38 -10.28 -12.22
CA ASN A 190 -7.44 -10.84 -13.19
C ASN A 190 -6.35 -9.82 -13.46
N GLU A 191 -5.36 -10.22 -14.26
CA GLU A 191 -4.22 -9.36 -14.59
C GLU A 191 -4.55 -8.24 -15.56
N GLU A 192 -5.57 -8.45 -16.39
CA GLU A 192 -5.99 -7.45 -17.37
C GLU A 192 -6.54 -6.23 -16.65
N LEU A 193 -6.94 -6.45 -15.40
CA LEU A 193 -7.49 -5.41 -14.55
C LEU A 193 -6.43 -4.73 -13.67
N SER A 194 -5.37 -5.45 -13.33
CA SER A 194 -4.30 -4.89 -12.52
C SER A 194 -3.62 -3.85 -13.38
N GLU A 195 -3.43 -4.20 -14.66
CA GLU A 195 -2.78 -3.32 -15.62
C GLU A 195 -3.52 -2.01 -15.81
N ILE A 196 -4.84 -2.02 -15.69
CA ILE A 196 -5.62 -0.80 -15.86
C ILE A 196 -5.41 0.16 -14.68
N LEU A 197 -5.03 -0.39 -13.53
CA LEU A 197 -4.80 0.42 -12.34
C LEU A 197 -3.33 0.88 -12.28
N SER A 198 -2.41 -0.05 -12.51
CA SER A 198 -0.98 0.26 -12.48
C SER A 198 -0.65 1.30 -13.53
N ASP A 199 -1.24 1.13 -14.71
CA ASP A 199 -1.07 2.02 -15.84
C ASP A 199 -2.45 2.63 -16.05
N PRO A 200 -2.82 3.62 -15.21
CA PRO A 200 -4.13 4.28 -15.31
C PRO A 200 -4.23 5.28 -16.47
N SER A 201 -5.46 5.60 -16.89
CA SER A 201 -5.68 6.55 -18.00
C SER A 201 -6.72 7.66 -17.67
N ASP A 202 -7.15 8.40 -18.69
CA ASP A 202 -8.13 9.46 -18.48
C ASP A 202 -9.44 8.81 -18.13
N ASP A 203 -9.53 7.52 -18.41
CA ASP A 203 -10.72 6.73 -18.14
C ASP A 203 -10.81 6.33 -16.66
N THR A 204 -9.73 5.71 -16.17
CA THR A 204 -9.61 5.23 -14.79
C THR A 204 -9.24 6.35 -13.78
N LYS A 205 -9.67 7.58 -14.08
CA LYS A 205 -9.41 8.76 -13.23
C LYS A 205 -10.61 9.07 -12.34
N GLY A 206 -11.63 8.21 -12.43
CA GLY A 206 -12.86 8.35 -11.67
C GLY A 206 -13.09 9.42 -10.61
N PHE A 207 -12.15 9.58 -9.69
CA PHE A 207 -12.28 10.55 -8.60
C PHE A 207 -11.71 11.93 -8.86
N PHE A 208 -12.34 12.93 -8.24
CA PHE A 208 -11.96 14.32 -8.41
C PHE A 208 -11.42 15.00 -7.15
N ASP A 209 -10.27 15.65 -7.27
CA ASP A 209 -9.65 16.36 -6.16
C ASP A 209 -10.17 17.82 -6.10
N PRO A 210 -10.90 18.19 -5.02
CA PRO A 210 -11.44 19.55 -4.89
C PRO A 210 -10.39 20.66 -4.90
N ASN A 211 -9.25 20.43 -4.22
CA ASN A 211 -8.19 21.45 -4.15
C ASN A 211 -7.48 21.75 -5.47
N THR A 212 -6.65 20.81 -5.93
CA THR A 212 -5.91 20.99 -7.18
C THR A 212 -6.81 20.92 -8.40
N GLU A 213 -8.03 20.47 -8.18
CA GLU A 213 -9.06 20.34 -9.20
C GLU A 213 -8.59 19.53 -10.39
N GLU A 214 -8.40 18.24 -10.16
CA GLU A 214 -7.99 17.34 -11.22
C GLU A 214 -8.53 15.95 -10.95
N ASN A 215 -8.36 15.04 -11.91
CA ASN A 215 -8.83 13.67 -11.80
C ASN A 215 -7.74 12.66 -11.44
N LEU A 216 -8.11 11.64 -10.68
CA LEU A 216 -7.15 10.61 -10.26
C LEU A 216 -7.78 9.30 -9.74
N THR A 217 -6.93 8.33 -9.36
CA THR A 217 -7.42 7.06 -8.84
C THR A 217 -7.55 7.15 -7.33
N TYR A 218 -8.35 6.28 -6.73
CA TYR A 218 -8.54 6.29 -5.28
C TYR A 218 -7.18 6.28 -4.58
N LEU A 219 -6.26 5.45 -5.07
CA LEU A 219 -4.92 5.34 -4.51
C LEU A 219 -4.27 6.74 -4.48
N GLN A 220 -4.27 7.42 -5.62
CA GLN A 220 -3.68 8.75 -5.69
C GLN A 220 -4.35 9.78 -4.77
N LEU A 221 -5.68 9.89 -4.86
CA LEU A 221 -6.40 10.83 -4.02
C LEU A 221 -6.12 10.53 -2.55
N LYS A 222 -6.22 9.26 -2.16
CA LYS A 222 -6.00 8.82 -0.78
C LYS A 222 -4.66 9.25 -0.17
N GLU A 223 -3.61 9.26 -0.98
CA GLU A 223 -2.29 9.64 -0.51
C GLU A 223 -2.21 11.17 -0.38
N ARG A 224 -3.17 11.85 -0.98
CA ARG A 224 -3.21 13.31 -0.89
C ARG A 224 -3.86 13.68 0.45
N CYS A 225 -4.25 12.66 1.21
CA CYS A 225 -4.92 12.85 2.51
C CYS A 225 -4.01 12.81 3.73
N ILE A 226 -4.47 13.41 4.83
CA ILE A 226 -3.73 13.44 6.10
C ILE A 226 -4.41 12.53 7.11
N LYS A 227 -3.62 11.85 7.94
CA LYS A 227 -4.16 10.94 8.96
C LYS A 227 -4.59 11.74 10.21
N ASP A 228 -5.43 11.12 11.03
CA ASP A 228 -5.95 11.72 12.26
C ASP A 228 -5.38 10.92 13.41
N GLU A 229 -5.04 11.58 14.51
CA GLU A 229 -4.45 10.90 15.64
C GLU A 229 -5.38 10.11 16.53
N GLU A 230 -6.49 10.73 16.94
CA GLU A 230 -7.41 10.02 17.81
C GLU A 230 -8.26 9.00 17.08
N THR A 231 -8.33 9.09 15.74
CA THR A 231 -9.12 8.15 14.95
C THR A 231 -8.29 7.30 13.98
N GLY A 232 -7.34 7.94 13.29
CA GLY A 232 -6.51 7.21 12.33
C GLY A 232 -7.10 7.22 10.93
N LEU A 233 -8.35 7.66 10.84
CA LEU A 233 -9.08 7.75 9.58
C LEU A 233 -8.43 8.80 8.71
N CYS A 234 -8.11 8.45 7.47
CA CYS A 234 -7.51 9.42 6.55
C CYS A 234 -8.57 10.51 6.26
N LEU A 235 -8.13 11.77 6.20
CA LEU A 235 -9.02 12.89 5.91
C LEU A 235 -8.57 13.74 4.73
N LEU A 236 -9.52 14.18 3.93
CA LEU A 236 -9.22 14.99 2.77
C LEU A 236 -9.26 16.46 3.10
N PRO A 237 -8.10 17.13 3.11
CA PRO A 237 -8.04 18.56 3.41
C PRO A 237 -8.63 19.49 2.34
N LEU A 238 -9.47 20.45 2.76
CA LEU A 238 -10.12 21.41 1.87
C LEU A 238 -10.02 22.84 2.43
N LYS A 239 -10.84 23.74 1.87
CA LYS A 239 -10.90 25.15 2.27
C LYS A 239 -12.26 25.82 1.97
N GLU A 240 -12.50 26.94 2.64
CA GLU A 240 -13.73 27.74 2.51
C GLU A 240 -14.93 27.22 3.27
N SER B 1 14.26 2.39 -22.58
CA SER B 1 13.27 3.52 -22.61
C SER B 1 13.18 4.31 -21.30
N PHE B 2 12.52 3.72 -20.30
CA PHE B 2 12.33 4.35 -19.00
C PHE B 2 13.49 4.10 -18.03
N GLN B 3 13.65 4.97 -17.04
CA GLN B 3 14.72 4.83 -16.06
C GLN B 3 14.35 3.96 -14.86
N GLY B 4 15.14 2.92 -14.61
CA GLY B 4 14.88 2.04 -13.49
C GLY B 4 15.79 2.38 -12.32
N ILE B 5 15.98 1.44 -11.39
CA ILE B 5 16.83 1.69 -10.22
C ILE B 5 18.19 2.11 -10.70
N ARG B 6 18.88 1.19 -11.36
CA ARG B 6 20.21 1.45 -11.89
C ARG B 6 20.06 1.58 -13.41
N GLN B 7 19.71 0.45 -14.02
CA GLN B 7 19.54 0.33 -15.47
C GLN B 7 18.24 0.86 -16.05
N PRO B 8 18.24 1.13 -17.37
CA PRO B 8 17.03 1.64 -18.04
C PRO B 8 16.07 0.47 -18.28
N VAL B 9 14.78 0.75 -18.41
CA VAL B 9 13.85 -0.32 -18.63
C VAL B 9 13.13 -0.24 -19.95
N THR B 10 13.16 -1.36 -20.67
CA THR B 10 12.51 -1.52 -21.98
C THR B 10 10.98 -1.51 -21.88
N VAL B 11 10.31 -0.94 -22.88
CA VAL B 11 8.86 -0.91 -22.86
C VAL B 11 8.28 -2.32 -22.98
N THR B 12 9.01 -3.21 -23.61
CA THR B 12 8.58 -4.59 -23.74
C THR B 12 8.65 -5.25 -22.35
N GLU B 13 9.80 -5.08 -21.69
CA GLU B 13 10.06 -5.62 -20.34
C GLU B 13 8.94 -5.32 -19.34
N LEU B 14 8.37 -4.12 -19.42
CA LEU B 14 7.30 -3.70 -18.53
C LEU B 14 5.95 -4.32 -18.91
N VAL B 15 5.70 -4.50 -20.20
CA VAL B 15 4.44 -5.08 -20.64
C VAL B 15 4.45 -6.56 -20.25
N ASP B 16 5.61 -7.20 -20.40
CA ASP B 16 5.76 -8.61 -20.03
C ASP B 16 5.57 -8.73 -18.53
N SER B 17 6.10 -7.74 -17.82
CA SER B 17 6.04 -7.65 -16.36
C SER B 17 4.63 -7.46 -15.81
N GLY B 18 3.64 -7.38 -16.70
CA GLY B 18 2.27 -7.17 -16.26
C GLY B 18 2.10 -5.78 -15.66
N ILE B 19 2.89 -4.82 -16.11
CA ILE B 19 2.84 -3.46 -15.59
C ILE B 19 2.11 -2.49 -16.53
N LEU B 20 2.48 -2.50 -17.80
CA LEU B 20 1.84 -1.65 -18.81
C LEU B 20 0.89 -2.47 -19.69
N ARG B 21 -0.26 -1.89 -20.04
CA ARG B 21 -1.26 -2.54 -20.90
C ARG B 21 -0.81 -2.42 -22.35
N PRO B 22 -0.98 -3.49 -23.14
CA PRO B 22 -0.60 -3.53 -24.57
C PRO B 22 -1.01 -2.30 -25.38
N SER B 23 -2.07 -1.62 -24.96
CA SER B 23 -2.55 -0.45 -25.68
C SER B 23 -1.69 0.79 -25.43
N THR B 24 -1.24 0.97 -24.19
CA THR B 24 -0.44 2.13 -23.88
C THR B 24 0.86 2.22 -24.68
N VAL B 25 1.28 1.11 -25.28
CA VAL B 25 2.50 1.12 -26.09
C VAL B 25 2.20 1.71 -27.47
N ASN B 26 1.08 1.29 -28.05
CA ASN B 26 0.63 1.76 -29.35
C ASN B 26 0.26 3.22 -29.21
N GLU B 27 0.30 3.72 -27.98
CA GLU B 27 0.00 5.10 -27.67
C GLU B 27 1.26 5.91 -27.43
N LEU B 28 2.38 5.22 -27.18
CA LEU B 28 3.65 5.91 -26.97
C LEU B 28 4.21 6.20 -28.33
N GLU B 29 4.09 5.20 -29.20
CA GLU B 29 4.50 5.36 -30.57
C GLU B 29 3.15 5.84 -31.14
N SER B 30 3.07 7.14 -31.50
CA SER B 30 1.84 7.85 -31.99
C SER B 30 0.95 8.24 -30.79
N GLY B 31 1.49 9.11 -29.94
CA GLY B 31 0.75 9.53 -28.79
C GLY B 31 0.16 10.92 -28.85
N SER B 34 2.63 10.55 -24.67
CA SER B 34 3.81 11.16 -24.10
C SER B 34 4.68 10.13 -23.44
N TYR B 35 5.82 10.57 -22.91
CA TYR B 35 6.75 9.67 -22.21
C TYR B 35 7.07 10.13 -20.79
N ASP B 36 6.99 11.43 -20.55
CA ASP B 36 7.27 12.00 -19.23
C ASP B 36 6.07 11.83 -18.29
N GLU B 37 4.94 11.38 -18.85
CA GLU B 37 3.71 11.17 -18.09
C GLU B 37 3.47 9.69 -17.85
N VAL B 38 3.90 8.87 -18.79
CA VAL B 38 3.77 7.43 -18.65
C VAL B 38 4.67 7.03 -17.49
N GLY B 39 5.91 7.48 -17.55
CA GLY B 39 6.86 7.18 -16.51
C GLY B 39 6.44 7.87 -15.23
N GLU B 40 5.43 8.71 -15.33
CA GLU B 40 4.91 9.43 -14.19
C GLU B 40 3.69 8.70 -13.63
N ARG B 41 3.06 7.86 -14.45
CA ARG B 41 1.91 7.08 -14.03
C ARG B 41 2.40 5.75 -13.45
N ILE B 42 3.56 5.29 -13.94
CA ILE B 42 4.17 4.03 -13.48
C ILE B 42 5.45 4.24 -12.65
N LYS B 43 5.49 5.36 -11.93
CA LYS B 43 6.62 5.78 -11.08
C LYS B 43 7.05 4.84 -9.97
N ASP B 44 6.08 4.39 -9.19
CA ASP B 44 6.31 3.49 -8.06
C ASP B 44 7.05 2.19 -8.42
N PHE B 45 6.94 1.79 -9.68
CA PHE B 45 7.60 0.56 -10.15
C PHE B 45 9.02 0.86 -10.63
N LEU B 46 9.18 1.92 -11.41
CA LEU B 46 10.49 2.29 -11.93
C LEU B 46 11.53 2.38 -10.82
N GLN B 47 11.28 3.22 -9.82
CA GLN B 47 12.19 3.38 -8.70
C GLN B 47 11.59 3.04 -7.35
N GLY B 48 10.28 3.24 -7.22
CA GLY B 48 9.62 2.94 -5.97
C GLY B 48 9.08 4.15 -5.27
N SER B 49 8.29 3.90 -4.23
CA SER B 49 7.68 4.96 -3.45
C SER B 49 8.65 5.31 -2.31
N SER B 50 8.32 6.35 -1.55
CA SER B 50 9.18 6.79 -0.48
C SER B 50 9.35 5.77 0.64
N CYS B 51 10.51 5.83 1.29
CA CYS B 51 10.83 4.96 2.41
C CYS B 51 10.95 5.91 3.57
N ILE B 52 11.56 5.44 4.66
CA ILE B 52 11.80 6.30 5.83
C ILE B 52 13.10 7.07 5.49
N ALA B 53 12.94 8.18 4.77
CA ALA B 53 14.07 9.00 4.34
C ALA B 53 14.87 9.65 5.46
N GLY B 54 14.18 10.22 6.45
CA GLY B 54 14.91 10.85 7.52
C GLY B 54 14.14 10.93 8.81
N ILE B 55 14.61 11.79 9.71
CA ILE B 55 13.98 11.99 11.00
C ILE B 55 13.49 13.44 11.06
N TYR B 56 12.55 13.70 11.98
CA TYR B 56 12.00 15.05 12.22
C TYR B 56 11.73 15.17 13.72
N ASN B 57 12.57 15.91 14.44
CA ASN B 57 12.35 16.01 15.86
C ASN B 57 11.54 17.23 16.22
N GLU B 58 10.48 16.97 16.97
CA GLU B 58 9.54 17.98 17.44
C GLU B 58 10.20 19.16 18.18
N THR B 59 11.38 18.92 18.74
CA THR B 59 12.12 19.92 19.49
C THR B 59 12.52 21.15 18.68
N THR B 60 13.31 20.92 17.64
CA THR B 60 13.82 21.99 16.77
C THR B 60 13.00 22.24 15.50
N LYS B 61 12.12 21.30 15.16
CA LYS B 61 11.26 21.40 13.97
C LYS B 61 12.09 21.24 12.70
N GLN B 62 13.24 20.60 12.82
CA GLN B 62 14.12 20.40 11.68
C GLN B 62 14.05 18.97 11.18
N LYS B 63 14.40 18.77 9.91
CA LYS B 63 14.40 17.44 9.31
C LYS B 63 15.87 16.98 9.21
N LEU B 64 16.12 15.71 9.50
CA LEU B 64 17.48 15.21 9.47
C LEU B 64 17.66 13.86 8.80
N GLY B 65 18.84 13.64 8.24
CA GLY B 65 19.12 12.36 7.61
C GLY B 65 19.22 11.38 8.75
N ILE B 66 19.34 10.09 8.46
CA ILE B 66 19.43 9.11 9.54
C ILE B 66 20.78 9.15 10.25
N TYR B 67 21.86 9.31 9.48
CA TYR B 67 23.21 9.32 10.06
C TYR B 67 23.55 10.55 10.91
N GLU B 68 23.06 11.70 10.46
CA GLU B 68 23.29 12.96 11.15
C GLU B 68 22.66 12.94 12.54
N ALA B 69 21.49 12.35 12.65
CA ALA B 69 20.78 12.27 13.93
C ALA B 69 21.48 11.38 14.96
N MET B 70 22.15 10.33 14.51
CA MET B 70 22.86 9.44 15.45
C MET B 70 24.21 10.04 15.80
N LYS B 71 24.69 10.96 14.95
CA LYS B 71 25.98 11.61 15.17
C LYS B 71 25.81 12.75 16.18
N ILE B 72 24.56 13.07 16.49
CA ILE B 72 24.24 14.11 17.45
C ILE B 72 23.39 13.59 18.60
N GLY B 73 23.17 12.27 18.66
CA GLY B 73 22.38 11.72 19.75
C GLY B 73 20.91 12.01 19.70
N LEU B 74 20.19 11.19 18.94
CA LEU B 74 18.74 11.32 18.80
C LEU B 74 18.21 9.97 18.32
N VAL B 75 19.15 9.06 18.05
CA VAL B 75 18.89 7.69 17.60
C VAL B 75 20.15 6.87 17.82
N ARG B 76 20.03 5.82 18.63
CA ARG B 76 21.15 4.94 18.93
C ARG B 76 21.68 4.25 17.70
N PRO B 77 23.01 4.06 17.63
CA PRO B 77 23.68 3.41 16.49
C PRO B 77 22.95 2.18 15.99
N GLY B 78 22.32 1.50 16.94
CA GLY B 78 21.58 0.28 16.64
C GLY B 78 20.48 0.44 15.62
N THR B 79 19.49 1.25 15.96
CA THR B 79 18.37 1.49 15.05
C THR B 79 18.78 2.27 13.77
N ALA B 80 19.90 2.99 13.84
CA ALA B 80 20.38 3.73 12.69
C ALA B 80 20.67 2.76 11.55
N LEU B 81 21.36 1.67 11.87
CA LEU B 81 21.72 0.63 10.90
C LEU B 81 20.51 0.08 10.16
N GLU B 82 19.48 -0.31 10.91
CA GLU B 82 18.27 -0.85 10.30
C GLU B 82 17.70 0.04 9.19
N LEU B 83 17.40 1.30 9.50
CA LEU B 83 16.83 2.20 8.50
C LEU B 83 17.79 2.47 7.34
N LEU B 84 19.10 2.53 7.62
CA LEU B 84 20.07 2.76 6.55
C LEU B 84 20.27 1.49 5.69
N GLU B 85 19.88 0.34 6.23
CA GLU B 85 19.98 -0.93 5.48
C GLU B 85 18.74 -1.01 4.59
N ALA B 86 17.59 -0.71 5.17
CA ALA B 86 16.32 -0.75 4.45
C ALA B 86 16.34 0.32 3.38
N GLN B 87 17.18 1.34 3.55
CA GLN B 87 17.29 2.41 2.57
C GLN B 87 18.11 1.86 1.40
N ALA B 88 19.17 1.12 1.72
CA ALA B 88 20.03 0.53 0.70
C ALA B 88 19.29 -0.51 -0.14
N ALA B 89 18.55 -1.37 0.56
CA ALA B 89 17.80 -2.48 -0.03
C ALA B 89 16.64 -2.02 -0.93
N THR B 90 16.43 -0.72 -1.04
CA THR B 90 15.35 -0.24 -1.90
C THR B 90 15.96 0.56 -3.06
N GLY B 91 17.27 0.76 -3.02
CA GLY B 91 17.94 1.48 -4.07
C GLY B 91 18.89 2.58 -3.66
N PHE B 92 18.39 3.61 -2.98
CA PHE B 92 19.23 4.74 -2.62
C PHE B 92 19.19 5.25 -1.18
N ILE B 93 20.30 5.85 -0.76
CA ILE B 93 20.43 6.45 0.56
C ILE B 93 19.85 7.84 0.41
N VAL B 94 19.14 8.32 1.42
CA VAL B 94 18.50 9.62 1.28
C VAL B 94 18.89 10.77 2.20
N ASP B 95 18.84 11.98 1.67
CA ASP B 95 19.12 13.22 2.40
C ASP B 95 17.92 14.15 2.26
N PRO B 96 17.02 14.12 3.24
CA PRO B 96 15.79 14.94 3.27
C PRO B 96 16.04 16.42 3.15
N VAL B 97 17.13 16.86 3.77
CA VAL B 97 17.46 18.26 3.75
C VAL B 97 17.64 18.76 2.33
N SER B 98 18.56 18.11 1.61
CA SER B 98 18.86 18.49 0.23
C SER B 98 17.98 17.77 -0.78
N ASN B 99 17.40 16.64 -0.37
CA ASN B 99 16.51 15.84 -1.22
C ASN B 99 17.29 15.00 -2.25
N LEU B 100 18.39 14.41 -1.79
CA LEU B 100 19.21 13.57 -2.66
C LEU B 100 18.97 12.09 -2.44
N ARG B 101 19.03 11.35 -3.54
CA ARG B 101 18.84 9.91 -3.54
C ARG B 101 20.12 9.42 -4.20
N LEU B 102 20.86 8.55 -3.53
CA LEU B 102 22.13 8.11 -4.08
C LEU B 102 22.65 6.75 -3.60
N PRO B 103 23.45 6.07 -4.45
CA PRO B 103 24.03 4.77 -4.12
C PRO B 103 24.99 4.90 -2.95
N VAL B 104 25.20 3.79 -2.26
CA VAL B 104 26.09 3.79 -1.10
C VAL B 104 27.41 4.49 -1.36
N GLU B 105 28.07 4.21 -2.49
CA GLU B 105 29.36 4.85 -2.78
C GLU B 105 29.36 6.37 -2.85
N GLU B 106 28.36 6.92 -3.51
CA GLU B 106 28.19 8.36 -3.66
C GLU B 106 27.91 8.93 -2.25
N ALA B 107 26.95 8.32 -1.54
CA ALA B 107 26.56 8.75 -0.19
C ALA B 107 27.75 8.87 0.77
N TYR B 108 28.64 7.90 0.70
CA TYR B 108 29.82 7.87 1.55
C TYR B 108 30.79 9.03 1.25
N LYS B 109 30.80 9.48 0.00
CA LYS B 109 31.66 10.58 -0.42
C LYS B 109 31.07 11.88 0.08
N ARG B 110 29.76 11.96 -0.02
CA ARG B 110 28.99 13.12 0.36
C ARG B 110 28.76 13.27 1.86
N GLY B 111 29.23 12.31 2.66
CA GLY B 111 29.09 12.40 4.10
C GLY B 111 27.72 12.12 4.69
N LEU B 112 26.94 11.30 4.02
CA LEU B 112 25.60 10.97 4.50
C LEU B 112 25.58 9.69 5.32
N VAL B 113 26.67 8.92 5.26
CA VAL B 113 26.77 7.67 6.02
C VAL B 113 28.19 7.48 6.54
N GLY B 114 28.30 6.86 7.71
CA GLY B 114 29.60 6.65 8.34
C GLY B 114 30.51 5.63 7.71
N ILE B 115 31.79 5.73 8.05
CA ILE B 115 32.82 4.82 7.55
C ILE B 115 32.61 3.44 8.13
N GLU B 116 32.06 3.43 9.32
CA GLU B 116 31.79 2.22 10.06
C GLU B 116 30.64 1.40 9.50
N PHE B 117 29.70 2.09 8.85
CA PHE B 117 28.50 1.45 8.27
C PHE B 117 28.65 1.00 6.80
N LYS B 118 29.43 1.76 6.02
CA LYS B 118 29.70 1.53 4.59
C LYS B 118 29.81 0.09 4.04
N GLU B 119 30.49 -0.78 4.80
CA GLU B 119 30.72 -2.19 4.43
C GLU B 119 29.44 -3.04 4.47
N LYS B 120 28.57 -2.74 5.43
CA LYS B 120 27.30 -3.43 5.61
C LYS B 120 26.27 -2.88 4.65
N LEU B 121 26.30 -1.57 4.44
CA LEU B 121 25.39 -0.92 3.51
C LEU B 121 25.74 -1.31 2.06
N LEU B 122 26.91 -1.90 1.86
CA LEU B 122 27.35 -2.35 0.54
C LEU B 122 26.83 -3.79 0.23
N SER B 123 26.37 -4.49 1.27
CA SER B 123 25.83 -5.84 1.14
C SER B 123 24.31 -5.82 1.02
N ALA B 124 23.67 -4.88 1.70
CA ALA B 124 22.21 -4.78 1.66
C ALA B 124 21.74 -4.21 0.34
N GLU B 125 22.68 -3.70 -0.44
CA GLU B 125 22.40 -3.10 -1.75
C GLU B 125 22.43 -4.17 -2.84
N ARG B 126 22.87 -5.38 -2.48
CA ARG B 126 22.93 -6.49 -3.42
C ARG B 126 21.53 -7.08 -3.57
N ALA B 127 20.62 -6.61 -2.72
CA ALA B 127 19.24 -7.05 -2.76
C ALA B 127 18.59 -6.15 -3.80
N VAL B 128 19.42 -5.34 -4.45
CA VAL B 128 18.99 -4.41 -5.47
C VAL B 128 19.63 -4.81 -6.77
N THR B 129 20.94 -4.97 -6.75
CA THR B 129 21.70 -5.32 -7.94
C THR B 129 22.01 -6.82 -8.06
N GLY B 130 21.66 -7.58 -7.03
CA GLY B 130 21.92 -9.00 -7.09
C GLY B 130 23.13 -9.53 -6.36
N TYR B 131 23.04 -10.79 -6.00
CA TYR B 131 24.12 -11.50 -5.29
C TYR B 131 24.82 -12.37 -6.33
N ASN B 132 25.77 -13.19 -5.90
CA ASN B 132 26.44 -14.06 -6.85
C ASN B 132 26.34 -15.51 -6.45
N ASP B 133 26.10 -16.35 -7.46
CA ASP B 133 25.97 -17.77 -7.28
C ASP B 133 27.33 -18.47 -7.19
N PRO B 134 27.70 -18.97 -5.98
CA PRO B 134 28.96 -19.67 -5.70
C PRO B 134 29.42 -20.65 -6.78
N GLU B 135 28.46 -21.21 -7.47
CA GLU B 135 28.67 -22.12 -8.60
C GLU B 135 27.86 -21.53 -9.75
N THR B 136 28.55 -21.09 -10.81
CA THR B 136 27.98 -20.47 -12.01
C THR B 136 28.30 -18.97 -12.05
N GLY B 137 28.58 -18.40 -10.89
CA GLY B 137 28.87 -16.99 -10.82
C GLY B 137 27.79 -16.17 -11.51
N ASN B 138 26.52 -16.51 -11.29
CA ASN B 138 25.42 -15.78 -11.92
C ASN B 138 24.53 -15.01 -10.95
N ILE B 139 24.17 -13.80 -11.36
CA ILE B 139 23.32 -12.91 -10.58
C ILE B 139 22.01 -13.62 -10.16
N ILE B 140 21.84 -13.85 -8.85
CA ILE B 140 20.62 -14.46 -8.32
C ILE B 140 19.89 -13.48 -7.40
N SER B 141 18.60 -13.73 -7.18
CA SER B 141 17.78 -12.88 -6.34
C SER B 141 18.09 -13.02 -4.86
N LEU B 142 17.69 -12.02 -4.07
CA LEU B 142 17.88 -12.05 -2.63
C LEU B 142 17.21 -13.32 -2.14
N PHE B 143 16.02 -13.58 -2.67
CA PHE B 143 15.22 -14.77 -2.36
C PHE B 143 16.03 -16.06 -2.68
N GLN B 144 16.57 -16.15 -3.89
CA GLN B 144 17.36 -17.31 -4.28
C GLN B 144 18.58 -17.42 -3.37
N ALA B 145 18.98 -16.29 -2.79
CA ALA B 145 20.13 -16.26 -1.90
C ALA B 145 19.76 -16.78 -0.51
N MET B 146 18.47 -16.76 -0.22
CA MET B 146 17.99 -17.26 1.05
C MET B 146 17.79 -18.78 0.85
N ASN B 147 17.42 -19.20 -0.36
CA ASN B 147 17.21 -20.61 -0.67
C ASN B 147 18.50 -21.42 -0.84
N LYS B 148 19.64 -20.73 -0.89
CA LYS B 148 20.94 -21.41 -1.05
C LYS B 148 21.80 -21.18 0.18
N GLU B 149 21.18 -20.62 1.20
CA GLU B 149 21.82 -20.34 2.49
C GLU B 149 23.04 -19.42 2.47
N LEU B 150 22.89 -18.24 1.86
CA LEU B 150 23.99 -17.29 1.83
C LEU B 150 23.77 -16.13 2.83
N ILE B 151 22.63 -16.16 3.54
CA ILE B 151 22.29 -15.15 4.56
C ILE B 151 21.12 -15.63 5.43
N GLU B 152 21.07 -15.13 6.67
CA GLU B 152 20.02 -15.51 7.63
C GLU B 152 18.63 -15.03 7.22
N LYS B 153 17.63 -15.92 7.38
CA LYS B 153 16.25 -15.60 7.02
C LYS B 153 15.66 -14.45 7.80
N GLY B 154 16.34 -14.04 8.88
CA GLY B 154 15.85 -12.94 9.68
C GLY B 154 16.30 -11.62 9.05
N HIS B 155 17.53 -11.63 8.55
CA HIS B 155 18.14 -10.48 7.91
C HIS B 155 17.53 -10.29 6.51
N GLY B 156 17.40 -11.40 5.78
CA GLY B 156 16.84 -11.36 4.43
C GLY B 156 15.38 -10.97 4.47
N ILE B 157 14.64 -11.56 5.39
CA ILE B 157 13.24 -11.23 5.52
C ILE B 157 13.05 -9.75 5.83
N ARG B 158 13.94 -9.18 6.63
CA ARG B 158 13.84 -7.77 7.00
C ARG B 158 14.01 -6.83 5.82
N LEU B 159 14.75 -7.29 4.80
CA LEU B 159 15.00 -6.48 3.62
C LEU B 159 13.87 -6.61 2.60
N LEU B 160 13.27 -7.79 2.54
CA LEU B 160 12.16 -8.04 1.62
C LEU B 160 10.94 -7.20 2.01
N GLU B 161 10.69 -7.01 3.30
CA GLU B 161 9.53 -6.22 3.74
C GLU B 161 9.76 -4.72 3.49
N ALA B 162 11.02 -4.31 3.51
CA ALA B 162 11.34 -2.92 3.23
C ALA B 162 10.95 -2.68 1.77
N GLN B 163 11.29 -3.63 0.90
CA GLN B 163 10.98 -3.54 -0.53
C GLN B 163 9.49 -3.66 -0.86
N ILE B 164 8.81 -4.61 -0.23
CA ILE B 164 7.36 -4.80 -0.46
C ILE B 164 6.56 -3.56 -0.04
N ALA B 165 7.04 -2.89 1.01
CA ALA B 165 6.38 -1.69 1.56
C ALA B 165 6.68 -0.40 0.78
N THR B 166 7.38 -0.52 -0.36
CA THR B 166 7.71 0.64 -1.16
C THR B 166 7.56 0.41 -2.68
N GLY B 167 6.60 -0.43 -3.06
CA GLY B 167 6.38 -0.72 -4.47
C GLY B 167 6.34 -2.20 -4.88
N GLY B 168 7.04 -3.06 -4.14
CA GLY B 168 7.07 -4.49 -4.44
C GLY B 168 8.49 -5.04 -4.42
N ILE B 169 8.67 -6.35 -4.57
CA ILE B 169 10.03 -6.89 -4.58
C ILE B 169 10.70 -6.48 -5.90
N ILE B 170 12.00 -6.21 -5.84
CA ILE B 170 12.77 -5.75 -7.00
C ILE B 170 13.35 -6.89 -7.82
N ASP B 171 13.49 -6.67 -9.12
CA ASP B 171 14.08 -7.67 -10.00
C ASP B 171 15.52 -7.25 -10.20
N PRO B 172 16.49 -8.10 -9.82
CA PRO B 172 17.92 -7.81 -9.93
C PRO B 172 18.34 -7.57 -11.37
N LYS B 173 17.87 -8.45 -12.25
CA LYS B 173 18.18 -8.37 -13.66
C LYS B 173 17.51 -7.22 -14.42
N GLU B 174 16.21 -7.02 -14.19
CA GLU B 174 15.48 -5.97 -14.89
C GLU B 174 15.52 -4.55 -14.25
N SER B 175 15.83 -4.49 -12.95
CA SER B 175 15.95 -3.22 -12.21
C SER B 175 14.66 -2.40 -12.01
N HIS B 176 13.63 -3.03 -11.44
CA HIS B 176 12.38 -2.34 -11.17
C HIS B 176 11.49 -3.17 -10.28
N ARG B 177 10.40 -2.57 -9.82
CA ARG B 177 9.46 -3.26 -8.94
C ARG B 177 8.56 -4.19 -9.74
N LEU B 178 8.07 -5.23 -9.07
CA LEU B 178 7.23 -6.24 -9.71
C LEU B 178 5.99 -6.65 -8.93
N PRO B 179 4.88 -6.83 -9.64
CA PRO B 179 3.67 -7.23 -8.96
C PRO B 179 3.98 -8.57 -8.28
N VAL B 180 3.37 -8.83 -7.13
CA VAL B 180 3.64 -10.07 -6.41
C VAL B 180 3.51 -11.34 -7.27
N ASP B 181 2.51 -11.40 -8.16
CA ASP B 181 2.34 -12.61 -8.99
C ASP B 181 3.47 -12.87 -9.97
N ILE B 182 4.04 -11.80 -10.54
CA ILE B 182 5.14 -11.93 -11.49
C ILE B 182 6.37 -12.32 -10.71
N ALA B 183 6.48 -11.76 -9.51
CA ALA B 183 7.59 -12.08 -8.65
C ALA B 183 7.55 -13.59 -8.40
N TYR B 184 6.35 -14.15 -8.24
CA TYR B 184 6.21 -15.61 -8.01
C TYR B 184 6.60 -16.42 -9.25
N LYS B 185 6.12 -15.98 -10.41
CA LYS B 185 6.40 -16.65 -11.71
C LYS B 185 7.89 -16.71 -12.07
N ARG B 186 8.64 -15.67 -11.67
CA ARG B 186 10.07 -15.56 -11.93
C ARG B 186 10.96 -16.13 -10.79
N GLY B 187 10.32 -16.73 -9.79
CA GLY B 187 11.05 -17.32 -8.67
C GLY B 187 11.82 -16.33 -7.81
N TYR B 188 11.20 -15.21 -7.47
CA TYR B 188 11.82 -14.18 -6.65
C TYR B 188 11.03 -13.89 -5.38
N PHE B 189 10.09 -14.78 -5.05
CA PHE B 189 9.24 -14.65 -3.86
C PHE B 189 8.27 -15.83 -3.92
N ASN B 190 7.47 -16.02 -2.88
CA ASN B 190 6.46 -17.08 -2.85
C ASN B 190 5.39 -16.77 -1.81
N GLU B 191 4.35 -17.59 -1.77
CA GLU B 191 3.22 -17.40 -0.84
C GLU B 191 3.58 -17.67 0.62
N GLU B 192 4.59 -18.51 0.81
CA GLU B 192 5.04 -18.88 2.15
C GLU B 192 5.64 -17.67 2.82
N LEU B 193 6.10 -16.73 1.99
CA LEU B 193 6.71 -15.49 2.45
C LEU B 193 5.71 -14.37 2.65
N SER B 194 4.66 -14.36 1.85
CA SER B 194 3.62 -13.34 1.96
C SER B 194 2.96 -13.55 3.31
N GLU B 195 2.74 -14.81 3.65
CA GLU B 195 2.12 -15.17 4.91
C GLU B 195 2.89 -14.70 6.13
N ILE B 196 4.22 -14.63 6.02
CA ILE B 196 5.04 -14.20 7.14
C ILE B 196 4.92 -12.70 7.38
N LEU B 197 4.57 -11.96 6.34
CA LEU B 197 4.41 -10.52 6.48
C LEU B 197 2.98 -10.18 6.84
N SER B 198 2.01 -10.81 6.19
CA SER B 198 0.59 -10.55 6.48
C SER B 198 0.28 -10.94 7.92
N ASP B 199 0.84 -12.07 8.33
CA ASP B 199 0.69 -12.60 9.67
C ASP B 199 2.07 -12.54 10.30
N PRO B 200 2.47 -11.36 10.81
CA PRO B 200 3.79 -11.22 11.43
C PRO B 200 3.88 -11.96 12.75
N SER B 201 5.12 -12.26 13.17
CA SER B 201 5.35 -12.93 14.44
C SER B 201 6.36 -12.09 15.28
N ASP B 202 6.97 -12.69 16.30
CA ASP B 202 7.92 -11.97 17.15
C ASP B 202 9.36 -12.03 16.65
N ASP B 203 9.54 -12.77 15.56
CA ASP B 203 10.83 -12.94 14.93
C ASP B 203 10.92 -11.83 13.87
N THR B 204 9.83 -11.70 13.12
CA THR B 204 9.64 -10.74 12.03
C THR B 204 9.29 -9.33 12.54
N LYS B 205 9.91 -8.94 13.65
CA LYS B 205 9.68 -7.63 14.23
C LYS B 205 10.95 -6.80 14.04
N GLY B 206 11.67 -7.11 12.98
CA GLY B 206 12.91 -6.43 12.67
C GLY B 206 13.17 -5.00 13.10
N PHE B 207 12.27 -4.07 12.81
CA PHE B 207 12.50 -2.67 13.13
C PHE B 207 12.00 -2.14 14.46
N PHE B 208 12.74 -1.18 15.02
CA PHE B 208 12.42 -0.58 16.32
C PHE B 208 11.97 0.88 16.29
N ASP B 209 10.82 1.16 16.92
CA ASP B 209 10.27 2.52 17.00
C ASP B 209 10.86 3.26 18.20
N PRO B 210 11.63 4.34 17.95
CA PRO B 210 12.23 5.12 19.05
C PRO B 210 11.23 5.70 20.05
N ASN B 211 10.13 6.27 19.57
CA ASN B 211 9.12 6.89 20.45
C ASN B 211 8.41 5.92 21.40
N THR B 212 7.50 5.12 20.85
CA THR B 212 6.73 4.16 21.63
C THR B 212 7.60 3.00 22.15
N GLU B 213 8.80 2.94 21.61
CA GLU B 213 9.78 1.92 21.98
C GLU B 213 9.24 0.49 21.89
N GLU B 214 8.94 0.04 20.69
CA GLU B 214 8.44 -1.30 20.46
C GLU B 214 8.92 -1.78 19.11
N ASN B 215 8.68 -3.06 18.81
CA ASN B 215 9.10 -3.65 17.54
C ASN B 215 7.95 -3.77 16.51
N LEU B 216 8.29 -3.66 15.23
CA LEU B 216 7.29 -3.75 14.15
C LEU B 216 7.86 -3.98 12.75
N THR B 217 6.97 -4.06 11.75
CA THR B 217 7.41 -4.27 10.36
C THR B 217 7.59 -2.93 9.67
N TYR B 218 8.35 -2.92 8.57
CA TYR B 218 8.60 -1.69 7.83
C TYR B 218 7.30 -1.02 7.47
N LEU B 219 6.33 -1.83 7.08
CA LEU B 219 5.02 -1.32 6.75
C LEU B 219 4.43 -0.57 7.95
N GLN B 220 4.47 -1.21 9.11
CA GLN B 220 3.96 -0.62 10.33
C GLN B 220 4.69 0.63 10.75
N LEU B 221 6.02 0.58 10.78
CA LEU B 221 6.78 1.76 11.17
C LEU B 221 6.54 2.91 10.18
N LYS B 222 6.59 2.56 8.89
CA LYS B 222 6.41 3.54 7.83
C LYS B 222 5.12 4.35 7.93
N GLU B 223 4.05 3.71 8.38
CA GLU B 223 2.78 4.39 8.53
C GLU B 223 2.79 5.26 9.78
N ARG B 224 3.78 5.04 10.65
CA ARG B 224 3.90 5.84 11.87
C ARG B 224 4.61 7.14 11.50
N CYS B 225 4.92 7.28 10.22
CA CYS B 225 5.63 8.45 9.72
C CYS B 225 4.76 9.56 9.10
N ILE B 226 5.31 10.78 9.03
CA ILE B 226 4.62 11.93 8.45
C ILE B 226 5.27 12.30 7.11
N LYS B 227 4.47 12.72 6.14
CA LYS B 227 5.00 13.10 4.84
C LYS B 227 5.52 14.55 4.90
N ASP B 228 6.36 14.91 3.94
CA ASP B 228 6.92 16.27 3.85
C ASP B 228 6.35 16.90 2.58
N GLU B 229 6.10 18.20 2.61
CA GLU B 229 5.52 18.89 1.46
C GLU B 229 6.46 19.22 0.30
N GLU B 230 7.59 19.84 0.59
CA GLU B 230 8.49 20.17 -0.50
C GLU B 230 9.26 18.97 -1.04
N THR B 231 9.26 17.86 -0.31
CA THR B 231 9.98 16.65 -0.76
C THR B 231 9.09 15.42 -0.96
N GLY B 232 8.14 15.20 -0.06
CA GLY B 232 7.27 14.05 -0.17
C GLY B 232 7.81 12.85 0.59
N LEU B 233 9.10 12.92 0.93
CA LEU B 233 9.79 11.86 1.65
C LEU B 233 9.18 11.66 3.03
N CYS B 234 8.78 10.44 3.34
CA CYS B 234 8.21 10.14 4.65
C CYS B 234 9.30 10.35 5.71
N LEU B 235 8.94 10.95 6.85
CA LEU B 235 9.87 11.22 7.94
C LEU B 235 9.38 10.68 9.27
N LEU B 236 10.31 10.09 10.01
CA LEU B 236 9.99 9.53 11.32
C LEU B 236 10.14 10.56 12.45
N PRO B 237 9.02 10.99 13.04
CA PRO B 237 9.05 11.99 14.13
C PRO B 237 9.69 11.49 15.45
N LEU B 238 10.57 12.30 16.04
CA LEU B 238 11.24 11.96 17.30
C LEU B 238 11.23 13.15 18.26
N LYS B 239 12.01 13.06 19.35
CA LYS B 239 12.10 14.11 20.38
C LYS B 239 13.48 14.21 21.07
N GLU B 240 13.73 15.33 21.73
CA GLU B 240 15.00 15.57 22.42
C GLU B 240 16.12 15.82 21.41
#